data_3BPQ
#
_entry.id   3BPQ
#
_cell.length_a   52.794
_cell.length_b   57.992
_cell.length_c   58.747
_cell.angle_alpha   90.00
_cell.angle_beta   92.30
_cell.angle_gamma   90.00
#
_symmetry.space_group_name_H-M   'P 1 21 1'
#
loop_
_entity.id
_entity.type
_entity.pdbx_description
1 polymer 'Antitoxin RelB3'
2 polymer 'Toxin RelE3'
3 water water
#
loop_
_entity_poly.entity_id
_entity_poly.type
_entity_poly.pdbx_seq_one_letter_code
_entity_poly.pdbx_strand_id
1 'polypeptide(L)' MRLKKRFKKFFISRKEYEKIEEILDIGLAKAMEETKDDELLTYDEIKELLGD A,C
2 'polypeptide(L)'
;MKVLFAKTFVKDLKHVPGHIRKRIKLIIEECQNSNSLNDLKLDIKKIKGYHNYYRIRVGNYSIGIEVNGDTIIFRRVLHR
KSIYDYFP
;
B,D
#
# COMPACT_ATOMS: atom_id res chain seq x y z
N LYS A 8 -16.62 12.66 -5.72
CA LYS A 8 -15.92 11.75 -6.68
C LYS A 8 -14.50 12.21 -6.99
N LYS A 9 -14.04 13.22 -6.26
CA LYS A 9 -12.66 13.71 -6.35
C LYS A 9 -12.02 13.76 -4.95
N PHE A 10 -10.85 13.14 -4.80
CA PHE A 10 -10.23 12.91 -3.50
C PHE A 10 -9.06 13.84 -3.17
N PHE A 11 -8.97 14.23 -1.90
CA PHE A 11 -7.90 15.11 -1.41
C PHE A 11 -7.39 14.62 -0.06
N ILE A 12 -6.07 14.62 0.10
CA ILE A 12 -5.41 14.12 1.32
C ILE A 12 -4.47 15.16 1.95
N SER A 13 -4.16 14.97 3.23
CA SER A 13 -3.26 15.87 3.96
C SER A 13 -1.80 15.63 3.58
N ARG A 14 -0.91 16.45 4.15
CA ARG A 14 0.53 16.29 3.91
C ARG A 14 1.11 15.09 4.64
N LYS A 15 0.56 14.80 5.83
CA LYS A 15 0.98 13.65 6.62
C LYS A 15 0.62 12.34 5.92
N GLU A 16 -0.52 12.35 5.22
CA GLU A 16 -0.94 11.20 4.39
C GLU A 16 -0.08 11.04 3.14
N TYR A 17 0.19 12.16 2.46
CA TYR A 17 1.10 12.18 1.31
C TYR A 17 2.48 11.62 1.70
N GLU A 18 2.99 12.03 2.86
CA GLU A 18 4.29 11.58 3.35
C GLU A 18 4.32 10.08 3.61
N LYS A 19 3.27 9.56 4.24
CA LYS A 19 3.15 8.13 4.47
C LYS A 19 3.10 7.38 3.13
N ILE A 20 2.40 7.96 2.16
CA ILE A 20 2.28 7.35 0.83
C ILE A 20 3.63 7.34 0.10
N GLU A 21 4.47 8.35 0.33
CA GLU A 21 5.81 8.37 -0.26
C GLU A 21 6.69 7.27 0.32
N GLU A 22 6.53 6.99 1.61
CA GLU A 22 7.18 5.87 2.29
C GLU A 22 6.77 4.50 1.73
N ILE A 23 5.47 4.31 1.52
CA ILE A 23 4.90 3.13 0.83
C ILE A 23 5.51 2.97 -0.58
N LEU A 24 5.56 4.08 -1.31
CA LEU A 24 6.09 4.11 -2.68
C LEU A 24 7.55 3.72 -2.81
N ASP A 25 8.39 4.14 -1.86
CA ASP A 25 9.78 3.73 -1.83
C ASP A 25 9.92 2.22 -1.68
N ILE A 26 9.13 1.64 -0.79
CA ILE A 26 9.20 0.20 -0.50
C ILE A 26 8.72 -0.62 -1.70
N GLY A 27 7.59 -0.21 -2.28
CA GLY A 27 7.09 -0.81 -3.50
C GLY A 27 8.15 -0.78 -4.58
N LEU A 28 8.81 0.37 -4.75
CA LEU A 28 9.87 0.50 -5.75
C LEU A 28 11.05 -0.43 -5.46
N ALA A 29 11.50 -0.46 -4.21
CA ALA A 29 12.48 -1.43 -3.73
C ALA A 29 12.13 -2.88 -4.06
N LYS A 30 10.87 -3.26 -3.86
CA LYS A 30 10.41 -4.62 -4.17
C LYS A 30 10.36 -4.84 -5.68
N ALA A 31 9.99 -3.79 -6.41
CA ALA A 31 10.06 -3.80 -7.87
C ALA A 31 11.48 -4.07 -8.37
N MET A 32 12.47 -3.48 -7.72
CA MET A 32 13.88 -3.70 -8.03
C MET A 32 14.34 -5.12 -7.70
N GLU A 33 13.85 -5.65 -6.58
CA GLU A 33 14.17 -7.01 -6.14
C GLU A 33 13.76 -8.04 -7.19
N GLU A 34 12.69 -7.75 -7.92
CA GLU A 34 12.21 -8.61 -9.01
C GLU A 34 13.18 -8.72 -10.19
N THR A 35 14.11 -7.76 -10.29
CA THR A 35 15.08 -7.70 -11.39
C THR A 35 16.44 -8.29 -11.05
N LYS A 36 16.54 -8.97 -9.91
CA LYS A 36 17.82 -9.45 -9.37
C LYS A 36 18.60 -10.38 -10.32
N ASP A 37 17.87 -11.20 -11.09
CA ASP A 37 18.49 -12.15 -12.02
C ASP A 37 18.61 -11.60 -13.44
N ASP A 38 18.18 -10.36 -13.64
CA ASP A 38 18.23 -9.71 -14.96
C ASP A 38 19.63 -9.57 -15.51
N GLU A 39 19.76 -9.80 -16.81
CA GLU A 39 20.93 -9.35 -17.55
C GLU A 39 21.11 -7.84 -17.37
N LEU A 40 22.36 -7.43 -17.15
CA LEU A 40 22.71 -6.03 -17.11
C LEU A 40 23.23 -5.57 -18.47
N LEU A 41 22.71 -4.44 -18.93
CA LEU A 41 23.02 -3.88 -20.24
C LEU A 41 23.80 -2.59 -20.13
N THR A 42 24.69 -2.36 -21.09
CA THR A 42 25.37 -1.06 -21.22
C THR A 42 24.42 -0.07 -21.89
N TYR A 43 24.80 1.21 -21.91
CA TYR A 43 24.01 2.24 -22.56
C TYR A 43 23.80 1.96 -24.04
N ASP A 44 24.88 1.60 -24.74
CA ASP A 44 24.82 1.21 -26.16
C ASP A 44 23.86 0.04 -26.42
N GLU A 45 23.89 -0.94 -25.52
CA GLU A 45 23.04 -2.13 -25.58
C GLU A 45 21.55 -1.82 -25.34
N ILE A 46 21.26 -0.83 -24.50
CA ILE A 46 19.88 -0.48 -24.20
C ILE A 46 19.18 0.26 -25.36
N LYS A 47 19.95 0.96 -26.18
CA LYS A 47 19.36 1.67 -27.33
C LYS A 47 19.25 0.82 -28.59
N GLU A 48 20.08 -0.24 -28.67
CA GLU A 48 19.91 -1.34 -29.62
C GLU A 48 20.14 -0.98 -31.08
N VAL B 3 27.34 3.44 -16.30
CA VAL B 3 26.00 2.92 -15.90
C VAL B 3 25.67 1.59 -16.53
N LEU B 4 24.91 0.78 -15.79
CA LEU B 4 24.30 -0.42 -16.35
C LEU B 4 22.77 -0.34 -16.23
N PHE B 5 22.08 -1.17 -17.00
CA PHE B 5 20.63 -1.16 -17.08
C PHE B 5 20.13 -2.60 -16.99
N ALA B 6 19.30 -2.87 -15.98
CA ALA B 6 18.66 -4.17 -15.87
C ALA B 6 17.75 -4.39 -17.07
N LYS B 7 17.66 -5.62 -17.55
CA LYS B 7 16.80 -5.92 -18.70
C LYS B 7 15.39 -5.32 -18.53
N THR B 8 14.82 -5.48 -17.33
CA THR B 8 13.46 -5.00 -17.02
C THR B 8 13.28 -3.50 -17.26
N PHE B 9 14.28 -2.69 -16.89
CA PHE B 9 14.29 -1.23 -17.21
C PHE B 9 13.85 -0.91 -18.63
N VAL B 10 14.29 -1.69 -19.61
CA VAL B 10 13.91 -1.51 -21.02
C VAL B 10 12.41 -1.73 -21.21
N LYS B 11 11.88 -2.79 -20.58
CA LYS B 11 10.46 -3.09 -20.59
C LYS B 11 9.68 -1.93 -19.96
N ASP B 12 10.21 -1.41 -18.85
CA ASP B 12 9.64 -0.29 -18.09
C ASP B 12 9.59 0.99 -18.90
N LEU B 13 10.59 1.17 -19.75
CA LEU B 13 10.78 2.39 -20.53
C LEU B 13 9.77 2.50 -21.67
N LYS B 14 9.33 1.37 -22.21
CA LYS B 14 8.30 1.35 -23.26
C LYS B 14 6.96 1.93 -22.81
N HIS B 15 6.77 2.07 -21.50
CA HIS B 15 5.55 2.65 -20.93
C HIS B 15 5.68 4.13 -20.55
N VAL B 16 6.91 4.62 -20.46
CA VAL B 16 7.19 6.00 -20.06
C VAL B 16 6.92 6.98 -21.22
N PRO B 17 6.24 8.13 -20.94
CA PRO B 17 5.97 9.09 -22.02
C PRO B 17 7.20 9.90 -22.42
N GLY B 18 7.15 10.43 -23.64
CA GLY B 18 8.23 11.24 -24.23
C GLY B 18 8.88 12.26 -23.32
N HIS B 19 8.07 13.06 -22.64
CA HIS B 19 8.61 14.15 -21.84
C HIS B 19 9.39 13.66 -20.62
N ILE B 20 9.00 12.51 -20.07
CA ILE B 20 9.75 11.90 -18.99
C ILE B 20 11.02 11.21 -19.54
N ARG B 21 10.89 10.56 -20.70
CA ARG B 21 12.04 9.90 -21.31
C ARG B 21 13.18 10.87 -21.63
N LYS B 22 12.83 12.10 -22.04
CA LYS B 22 13.80 13.18 -22.21
C LYS B 22 14.55 13.54 -20.92
N ARG B 23 13.80 13.63 -19.82
CA ARG B 23 14.39 13.95 -18.51
C ARG B 23 15.30 12.81 -18.00
N ILE B 24 14.89 11.57 -18.24
CA ILE B 24 15.69 10.40 -17.89
C ILE B 24 17.00 10.41 -18.68
N LYS B 25 16.91 10.72 -19.97
CA LYS B 25 18.10 10.80 -20.84
C LYS B 25 19.12 11.80 -20.30
N LEU B 26 18.65 12.98 -19.89
CA LEU B 26 19.50 13.99 -19.26
C LEU B 26 20.16 13.48 -17.98
N ILE B 27 19.43 12.66 -17.21
CA ILE B 27 19.96 12.00 -16.02
C ILE B 27 21.04 10.96 -16.39
N ILE B 28 20.74 10.10 -17.37
CA ILE B 28 21.71 9.12 -17.86
C ILE B 28 22.98 9.81 -18.40
N GLU B 29 22.77 10.81 -19.26
CA GLU B 29 23.86 11.57 -19.88
C GLU B 29 24.83 12.18 -18.87
N GLU B 30 24.29 12.67 -17.75
CA GLU B 30 25.11 13.35 -16.75
C GLU B 30 25.94 12.38 -15.92
N CYS B 31 25.32 11.32 -15.40
CA CYS B 31 26.06 10.35 -14.61
C CYS B 31 26.96 9.44 -15.45
N GLN B 32 26.83 9.50 -16.77
CA GLN B 32 27.76 8.83 -17.68
C GLN B 32 29.18 9.40 -17.56
N ASN B 33 29.29 10.72 -17.51
CA ASN B 33 30.61 11.36 -17.39
C ASN B 33 31.07 11.63 -15.95
N SER B 34 30.14 11.73 -15.02
CA SER B 34 30.47 11.95 -13.62
C SER B 34 30.48 10.66 -12.79
N ASN B 35 29.72 9.65 -13.25
CA ASN B 35 29.45 8.40 -12.50
C ASN B 35 28.97 8.61 -11.06
N SER B 36 28.16 9.64 -10.86
CA SER B 36 27.51 9.91 -9.58
C SER B 36 26.15 10.58 -9.82
N LEU B 37 25.22 10.34 -8.90
CA LEU B 37 23.89 10.94 -9.00
C LEU B 37 23.67 12.11 -8.04
N ASN B 38 24.74 12.51 -7.34
CA ASN B 38 24.71 13.67 -6.46
C ASN B 38 24.71 15.00 -7.22
N LEU B 40 23.97 17.78 -8.81
CA LEU B 40 22.80 17.50 -9.64
C LEU B 40 21.49 17.83 -8.92
N LYS B 41 20.61 18.54 -9.63
CA LYS B 41 19.34 19.01 -9.09
C LYS B 41 18.32 17.89 -8.84
N LEU B 42 18.82 16.65 -8.75
CA LEU B 42 17.96 15.47 -8.68
C LEU B 42 17.22 15.29 -7.36
N ASP B 43 15.93 14.99 -7.47
CA ASP B 43 15.11 14.56 -6.36
C ASP B 43 15.47 13.09 -6.10
N ILE B 44 16.58 12.89 -5.40
CA ILE B 44 17.10 11.55 -5.12
C ILE B 44 17.10 11.29 -3.61
N LYS B 45 16.71 10.08 -3.23
CA LYS B 45 16.71 9.67 -1.84
C LYS B 45 17.11 8.21 -1.71
N LYS B 46 17.76 7.89 -0.60
CA LYS B 46 18.10 6.51 -0.26
C LYS B 46 16.88 5.80 0.32
N ILE B 47 16.53 4.64 -0.24
CA ILE B 47 15.40 3.86 0.27
C ILE B 47 15.74 3.13 1.57
N LYS B 48 15.02 3.49 2.64
CA LYS B 48 15.23 2.89 3.96
C LYS B 48 14.91 1.40 3.97
N GLY B 49 15.66 0.65 4.77
CA GLY B 49 15.46 -0.80 4.91
C GLY B 49 16.17 -1.64 3.86
N TYR B 50 16.79 -1.00 2.88
CA TYR B 50 17.43 -1.73 1.79
C TYR B 50 18.91 -1.38 1.63
N HIS B 51 19.65 -2.25 0.96
CA HIS B 51 21.08 -2.06 0.78
C HIS B 51 21.34 -1.49 -0.61
N ASN B 52 21.98 -0.31 -0.62
CA ASN B 52 22.40 0.35 -1.86
C ASN B 52 21.28 0.66 -2.86
N TYR B 53 20.06 0.86 -2.36
CA TYR B 53 18.91 1.22 -3.20
C TYR B 53 18.60 2.70 -3.08
N TYR B 54 18.30 3.32 -4.21
CA TYR B 54 18.00 4.74 -4.30
C TYR B 54 16.82 4.98 -5.20
N ARG B 55 16.05 6.02 -4.90
CA ARG B 55 14.93 6.42 -5.74
C ARG B 55 15.12 7.86 -6.24
N ILE B 56 14.98 8.04 -7.55
CA ILE B 56 14.91 9.37 -8.18
C ILE B 56 13.48 9.62 -8.65
N ARG B 57 12.86 10.70 -8.19
CA ARG B 57 11.53 11.11 -8.65
C ARG B 57 11.65 11.94 -9.91
N VAL B 58 10.94 11.55 -10.96
CA VAL B 58 10.88 12.35 -12.18
C VAL B 58 9.41 12.58 -12.48
N GLY B 59 8.88 13.71 -12.03
CA GLY B 59 7.44 13.96 -12.09
C GLY B 59 6.72 12.85 -11.35
N ASN B 60 5.80 12.17 -12.04
CA ASN B 60 5.06 11.07 -11.44
C ASN B 60 5.74 9.70 -11.52
N TYR B 61 6.89 9.66 -12.16
CA TYR B 61 7.69 8.43 -12.29
C TYR B 61 8.79 8.38 -11.25
N SER B 62 9.18 7.16 -10.87
CA SER B 62 10.29 6.92 -9.97
C SER B 62 11.24 5.98 -10.66
N ILE B 63 12.51 6.35 -10.68
CA ILE B 63 13.57 5.46 -11.14
C ILE B 63 14.20 4.78 -9.93
N GLY B 64 14.25 3.46 -9.97
CA GLY B 64 14.89 2.67 -8.92
C GLY B 64 16.30 2.31 -9.34
N ILE B 65 17.26 2.75 -8.53
CA ILE B 65 18.68 2.54 -8.80
C ILE B 65 19.37 1.73 -7.71
N GLU B 66 20.26 0.83 -8.14
CA GLU B 66 21.16 0.14 -7.23
C GLU B 66 22.56 0.62 -7.51
N VAL B 67 23.29 0.96 -6.45
CA VAL B 67 24.71 1.24 -6.57
C VAL B 67 25.53 0.07 -6.04
N ASN B 68 26.05 -0.75 -6.94
CA ASN B 68 26.90 -1.87 -6.57
C ASN B 68 28.37 -1.42 -6.59
N GLY B 69 28.86 -1.05 -5.41
CA GLY B 69 30.21 -0.50 -5.28
C GLY B 69 30.33 0.84 -5.99
N ASP B 70 30.92 0.80 -7.17
CA ASP B 70 31.13 2.00 -7.97
C ASP B 70 30.33 1.94 -9.27
N THR B 71 29.39 1.01 -9.34
CA THR B 71 28.54 0.83 -10.51
C THR B 71 27.11 1.24 -10.20
N ILE B 72 26.58 2.14 -11.02
CA ILE B 72 25.19 2.58 -10.94
C ILE B 72 24.34 1.74 -11.88
N ILE B 73 23.31 1.09 -11.33
CA ILE B 73 22.47 0.18 -12.10
C ILE B 73 21.04 0.69 -12.11
N PHE B 74 20.55 1.06 -13.28
CA PHE B 74 19.18 1.49 -13.42
C PHE B 74 18.31 0.24 -13.54
N ARG B 75 17.51 -0.01 -12.50
CA ARG B 75 16.72 -1.24 -12.43
C ARG B 75 15.25 -1.07 -12.83
N ARG B 76 14.58 -0.04 -12.28
CA ARG B 76 13.16 0.18 -12.62
C ARG B 76 12.85 1.63 -12.91
N VAL B 77 11.88 1.85 -13.78
CA VAL B 77 11.24 3.17 -13.88
C VAL B 77 9.74 2.99 -13.96
N LEU B 78 9.05 3.45 -12.92
CA LEU B 78 7.63 3.16 -12.77
C LEU B 78 6.79 4.37 -12.40
N HIS B 79 5.59 4.43 -12.97
CA HIS B 79 4.62 5.45 -12.59
C HIS B 79 4.15 5.14 -11.18
N ARG B 80 3.93 6.16 -10.36
CA ARG B 80 3.50 5.95 -8.96
C ARG B 80 2.31 4.97 -8.81
N LYS B 81 1.36 5.03 -9.76
CA LYS B 81 0.19 4.15 -9.74
CA LYS B 81 0.19 4.15 -9.75
C LYS B 81 0.58 2.67 -9.86
N SER B 82 1.65 2.41 -10.61
CA SER B 82 2.13 1.05 -10.86
C SER B 82 2.94 0.48 -9.69
N ILE B 83 3.54 1.37 -8.91
CA ILE B 83 4.39 0.97 -7.76
C ILE B 83 3.58 0.31 -6.64
N TYR B 84 2.30 0.67 -6.52
CA TYR B 84 1.43 0.17 -5.45
C TYR B 84 1.29 -1.34 -5.44
N ASP B 85 1.32 -1.95 -6.62
CA ASP B 85 1.13 -3.39 -6.76
C ASP B 85 2.30 -4.19 -6.17
N TYR B 86 3.49 -3.61 -6.15
CA TYR B 86 4.67 -4.28 -5.60
C TYR B 86 4.75 -4.19 -4.07
N PHE B 87 3.95 -3.30 -3.49
CA PHE B 87 3.73 -3.25 -2.05
C PHE B 87 2.45 -4.03 -1.76
N PRO B 88 2.47 -4.94 -0.77
CA PRO B 88 3.59 -5.43 0.04
C PRO B 88 4.09 -6.82 -0.39
N LYS C 9 -3.75 20.81 1.28
CA LYS C 9 -4.21 19.48 0.77
C LYS C 9 -3.49 19.12 -0.53
N PHE C 10 -3.50 17.82 -0.84
CA PHE C 10 -2.84 17.30 -2.03
C PHE C 10 -3.80 16.44 -2.85
N PHE C 11 -4.08 16.87 -4.07
CA PHE C 11 -4.93 16.10 -4.98
C PHE C 11 -4.39 14.68 -5.17
N ILE C 12 -5.31 13.72 -5.25
CA ILE C 12 -4.91 12.34 -5.49
C ILE C 12 -5.71 11.65 -6.60
N SER C 13 -7.03 11.71 -6.53
CA SER C 13 -7.95 10.95 -7.41
C SER C 13 -7.30 10.17 -8.57
N ARG C 14 -7.77 8.97 -8.89
CA ARG C 14 -8.91 8.29 -8.27
C ARG C 14 -8.55 6.82 -8.33
N LYS C 15 -7.97 6.42 -9.46
CA LYS C 15 -7.31 5.12 -9.59
C LYS C 15 -6.26 4.94 -8.51
N GLU C 16 -5.57 6.02 -8.16
CA GLU C 16 -4.58 5.96 -7.07
C GLU C 16 -5.23 5.78 -5.70
N TYR C 17 -6.35 6.45 -5.48
CA TYR C 17 -7.13 6.29 -4.24
C TYR C 17 -7.51 4.83 -4.01
N GLU C 18 -7.99 4.16 -5.06
CA GLU C 18 -8.38 2.75 -5.02
CA GLU C 18 -8.38 2.76 -4.94
C GLU C 18 -7.19 1.87 -4.64
N LYS C 19 -6.03 2.16 -5.22
CA LYS C 19 -4.81 1.41 -4.90
C LYS C 19 -4.45 1.59 -3.41
N ILE C 20 -4.59 2.81 -2.89
CA ILE C 20 -4.32 3.04 -1.48
C ILE C 20 -5.33 2.28 -0.63
N GLU C 21 -6.58 2.21 -1.09
CA GLU C 21 -7.64 1.44 -0.41
C GLU C 21 -7.31 -0.04 -0.34
N GLU C 22 -6.79 -0.60 -1.43
CA GLU C 22 -6.31 -1.99 -1.44
C GLU C 22 -5.24 -2.24 -0.38
N ILE C 23 -4.27 -1.33 -0.26
CA ILE C 23 -3.23 -1.45 0.74
C ILE C 23 -3.81 -1.43 2.14
N LEU C 24 -4.79 -0.54 2.35
CA LEU C 24 -5.49 -0.42 3.62
C LEU C 24 -6.25 -1.68 3.95
N ASP C 25 -6.80 -2.33 2.93
CA ASP C 25 -7.49 -3.60 3.07
C ASP C 25 -6.55 -4.72 3.51
N ILE C 26 -5.37 -4.76 2.89
CA ILE C 26 -4.34 -5.76 3.21
C ILE C 26 -3.79 -5.56 4.63
N GLY C 27 -3.60 -4.29 5.03
CA GLY C 27 -3.15 -4.00 6.39
C GLY C 27 -4.14 -4.47 7.44
N LEU C 28 -5.44 -4.31 7.15
CA LEU C 28 -6.49 -4.75 8.05
C LEU C 28 -6.57 -6.27 8.11
N ALA C 29 -6.57 -6.93 6.95
CA ALA C 29 -6.47 -8.39 6.86
C ALA C 29 -5.30 -8.95 7.66
N LYS C 30 -4.16 -8.28 7.57
CA LYS C 30 -2.98 -8.67 8.33
C LYS C 30 -3.21 -8.49 9.83
N ALA C 31 -3.81 -7.35 10.20
CA ALA C 31 -4.24 -7.12 11.58
C ALA C 31 -5.20 -8.20 12.07
N MET C 32 -6.07 -8.68 11.18
CA MET C 32 -7.02 -9.76 11.49
C MET C 32 -6.32 -11.11 11.64
N GLU C 33 -5.23 -11.32 10.90
CA GLU C 33 -4.45 -12.57 10.97
C GLU C 33 -3.74 -12.72 12.32
N GLU C 34 -3.46 -11.59 12.96
CA GLU C 34 -2.87 -11.56 14.30
C GLU C 34 -3.82 -12.12 15.36
N THR C 35 -5.11 -12.18 15.01
CA THR C 35 -6.16 -12.67 15.89
C THR C 35 -6.63 -14.08 15.53
N LYS C 36 -5.91 -14.76 14.63
CA LYS C 36 -6.36 -16.08 14.16
C LYS C 36 -6.55 -17.13 15.27
N ASP C 37 -5.74 -17.03 16.32
CA ASP C 37 -5.78 -17.99 17.44
C ASP C 37 -6.49 -17.42 18.68
N ASP C 38 -7.07 -16.22 18.52
CA ASP C 38 -7.84 -15.54 19.57
C ASP C 38 -9.01 -16.37 20.07
N GLU C 39 -9.30 -16.25 21.36
CA GLU C 39 -10.54 -16.77 21.94
C GLU C 39 -11.68 -15.99 21.31
N LEU C 40 -12.68 -16.71 20.81
CA LEU C 40 -13.87 -16.06 20.24
C LEU C 40 -14.95 -15.98 21.31
N LEU C 41 -15.34 -14.75 21.65
CA LEU C 41 -16.34 -14.47 22.68
C LEU C 41 -17.73 -14.28 22.10
N THR C 42 -18.74 -14.72 22.85
CA THR C 42 -20.14 -14.56 22.46
C THR C 42 -20.60 -13.11 22.57
N TYR C 43 -21.79 -12.82 22.02
CA TYR C 43 -22.42 -11.51 22.15
C TYR C 43 -22.64 -11.15 23.62
N ASP C 44 -23.00 -12.15 24.43
CA ASP C 44 -23.20 -11.99 25.87
C ASP C 44 -21.91 -11.64 26.63
N GLU C 45 -20.81 -12.32 26.27
CA GLU C 45 -19.54 -12.16 26.98
C GLU C 45 -18.92 -10.77 26.81
N ILE C 46 -19.03 -10.21 25.61
CA ILE C 46 -18.47 -8.88 25.28
C ILE C 46 -19.30 -7.78 25.94
N LYS C 47 -18.60 -6.80 26.53
CA LYS C 47 -19.27 -5.64 27.14
C LYS C 47 -18.34 -4.41 27.19
N VAL D 3 -23.21 -14.02 16.32
CA VAL D 3 -21.96 -13.21 16.26
C VAL D 3 -20.93 -13.69 17.27
N LEU D 4 -19.67 -13.69 16.85
CA LEU D 4 -18.55 -13.92 17.77
C LEU D 4 -17.58 -12.75 17.70
N PHE D 5 -16.82 -12.54 18.77
CA PHE D 5 -15.91 -11.41 18.85
C PHE D 5 -14.55 -11.92 19.30
N ALA D 6 -13.51 -11.63 18.52
CA ALA D 6 -12.16 -11.96 18.92
C ALA D 6 -11.78 -11.11 20.13
N LYS D 7 -11.01 -11.70 21.04
CA LYS D 7 -10.54 -10.97 22.22
C LYS D 7 -10.03 -9.57 21.82
N THR D 8 -9.14 -9.51 20.83
CA THR D 8 -8.51 -8.27 20.39
C THR D 8 -9.52 -7.19 19.97
N PHE D 9 -10.61 -7.59 19.32
CA PHE D 9 -11.70 -6.66 18.95
C PHE D 9 -12.18 -5.82 20.12
N VAL D 10 -12.18 -6.42 21.32
CA VAL D 10 -12.56 -5.76 22.57
C VAL D 10 -11.53 -4.70 22.98
N LYS D 11 -10.25 -5.02 22.85
CA LYS D 11 -9.18 -4.04 23.06
C LYS D 11 -9.27 -2.93 22.01
N ASP D 12 -9.50 -3.32 20.77
CA ASP D 12 -9.64 -2.35 19.67
C ASP D 12 -10.73 -1.33 19.97
N LEU D 13 -11.80 -1.79 20.61
CA LEU D 13 -12.99 -1.00 20.86
C LEU D 13 -12.76 0.06 21.96
N LYS D 14 -11.76 -0.17 22.82
CA LYS D 14 -11.40 0.76 23.88
C LYS D 14 -10.85 2.09 23.35
N HIS D 15 -10.26 2.07 22.15
CA HIS D 15 -9.62 3.24 21.56
C HIS D 15 -10.48 3.85 20.43
N VAL D 16 -11.80 3.68 20.57
CA VAL D 16 -12.74 4.14 19.56
C VAL D 16 -13.65 5.19 20.21
N PRO D 17 -13.85 6.35 19.53
CA PRO D 17 -14.67 7.43 20.06
C PRO D 17 -16.11 6.98 20.31
N GLY D 18 -16.73 7.57 21.33
CA GLY D 18 -18.09 7.24 21.75
C GLY D 18 -19.11 7.14 20.63
N HIS D 19 -19.08 8.10 19.72
CA HIS D 19 -20.04 8.15 18.61
C HIS D 19 -19.87 7.02 17.58
N ILE D 20 -18.63 6.55 17.41
CA ILE D 20 -18.36 5.43 16.49
C ILE D 20 -18.69 4.08 17.13
N ARG D 21 -18.34 3.93 18.41
CA ARG D 21 -18.81 2.78 19.21
C ARG D 21 -20.33 2.61 19.16
N LYS D 22 -21.05 3.72 19.31
CA LYS D 22 -22.51 3.77 19.15
C LYS D 22 -22.95 3.20 17.79
N ARG D 23 -22.31 3.67 16.73
CA ARG D 23 -22.55 3.17 15.37
C ARG D 23 -22.23 1.68 15.23
N ILE D 24 -21.13 1.25 15.83
CA ILE D 24 -20.77 -0.17 15.87
C ILE D 24 -21.80 -1.01 16.66
N LYS D 25 -22.23 -0.48 17.80
CA LYS D 25 -23.27 -1.13 18.61
C LYS D 25 -24.52 -1.42 17.76
N LEU D 26 -24.99 -0.38 17.06
CA LEU D 26 -26.12 -0.49 16.11
C LEU D 26 -25.93 -1.62 15.11
N ILE D 27 -24.71 -1.72 14.57
CA ILE D 27 -24.36 -2.76 13.59
C ILE D 27 -24.48 -4.15 14.23
N ILE D 28 -23.87 -4.30 15.42
CA ILE D 28 -23.92 -5.56 16.16
C ILE D 28 -25.35 -5.93 16.56
N GLU D 29 -26.13 -4.93 16.98
CA GLU D 29 -27.53 -5.15 17.35
C GLU D 29 -28.31 -5.68 16.15
N GLU D 30 -28.15 -5.04 15.00
CA GLU D 30 -28.83 -5.47 13.77
C GLU D 30 -28.34 -6.84 13.31
N CYS D 31 -27.08 -7.12 13.60
CA CYS D 31 -26.48 -8.43 13.38
C CYS D 31 -27.06 -9.50 14.31
N GLN D 32 -27.46 -9.09 15.52
CA GLN D 32 -28.05 -10.00 16.51
C GLN D 32 -29.50 -10.35 16.18
N ASN D 33 -30.19 -9.42 15.51
CA ASN D 33 -31.59 -9.62 15.14
CA ASN D 33 -31.59 -9.63 15.14
C ASN D 33 -31.76 -10.38 13.82
N SER D 34 -30.83 -10.19 12.90
CA SER D 34 -30.94 -10.76 11.55
C SER D 34 -29.82 -11.71 11.10
N ASN D 35 -28.73 -11.76 11.86
CA ASN D 35 -27.51 -12.48 11.46
C ASN D 35 -27.05 -12.16 10.03
N SER D 36 -27.27 -10.93 9.61
CA SER D 36 -26.82 -10.44 8.30
C SER D 36 -26.37 -8.99 8.42
N LEU D 37 -25.60 -8.55 7.43
CA LEU D 37 -25.19 -7.16 7.35
C LEU D 37 -25.76 -6.56 6.07
N ASN D 38 -26.45 -5.43 6.19
CA ASN D 38 -27.09 -4.78 5.05
C ASN D 38 -26.08 -3.93 4.27
N ASP D 39 -25.74 -4.41 3.07
CA ASP D 39 -24.77 -3.72 2.21
C ASP D 39 -25.36 -2.49 1.49
N LEU D 40 -26.66 -2.27 1.63
CA LEU D 40 -27.32 -1.07 1.11
C LEU D 40 -27.20 0.10 2.10
N LYS D 41 -27.06 -0.23 3.38
CA LYS D 41 -26.96 0.79 4.43
C LYS D 41 -25.52 0.95 4.93
N LEU D 42 -24.75 -0.12 4.85
CA LEU D 42 -23.38 -0.14 5.33
C LEU D 42 -22.42 -0.17 4.16
N ASP D 43 -21.23 0.37 4.36
CA ASP D 43 -20.15 0.37 3.38
C ASP D 43 -19.33 -0.90 3.58
N ILE D 44 -19.65 -1.96 2.84
CA ILE D 44 -19.04 -3.27 3.08
C ILE D 44 -18.26 -3.71 1.86
N LYS D 45 -17.01 -4.13 2.09
CA LYS D 45 -16.15 -4.58 0.99
C LYS D 45 -15.42 -5.87 1.33
N LYS D 46 -15.52 -6.85 0.45
CA LYS D 46 -14.69 -8.05 0.51
C LYS D 46 -13.21 -7.71 0.32
N ILE D 47 -12.36 -8.18 1.24
CA ILE D 47 -10.90 -8.01 1.10
C ILE D 47 -10.30 -9.06 0.16
N LYS D 48 -9.70 -8.58 -0.92
CA LYS D 48 -9.01 -9.41 -1.93
C LYS D 48 -7.84 -10.21 -1.38
N GLY D 49 -7.61 -11.39 -1.93
CA GLY D 49 -6.47 -12.23 -1.56
C GLY D 49 -6.67 -13.08 -0.31
N TYR D 50 -7.90 -13.04 0.21
CA TYR D 50 -8.28 -13.80 1.39
C TYR D 50 -9.63 -14.44 1.11
N HIS D 51 -10.00 -15.44 1.90
CA HIS D 51 -11.21 -16.22 1.62
C HIS D 51 -12.46 -15.52 2.14
N ASN D 52 -12.48 -15.20 3.43
CA ASN D 52 -13.71 -14.77 4.09
C ASN D 52 -13.59 -13.48 4.90
N TYR D 53 -12.70 -12.59 4.47
CA TYR D 53 -12.46 -11.33 5.13
C TYR D 53 -13.23 -10.20 4.46
N TYR D 54 -13.88 -9.38 5.26
CA TYR D 54 -14.61 -8.21 4.78
C TYR D 54 -14.29 -7.02 5.69
N ARG D 55 -14.36 -5.82 5.11
CA ARG D 55 -14.17 -4.58 5.87
C ARG D 55 -15.41 -3.70 5.76
N ILE D 56 -15.83 -3.15 6.89
CA ILE D 56 -16.94 -2.19 6.97
C ILE D 56 -16.38 -0.84 7.40
N ARG D 57 -16.65 0.19 6.62
CA ARG D 57 -16.11 1.53 6.89
C ARG D 57 -17.08 2.32 7.77
N VAL D 58 -16.62 2.72 8.97
CA VAL D 58 -17.40 3.57 9.85
C VAL D 58 -16.59 4.83 10.16
N GLY D 59 -16.85 5.88 9.38
CA GLY D 59 -16.08 7.10 9.46
C GLY D 59 -14.65 6.83 9.02
N ASN D 60 -13.71 7.14 9.91
CA ASN D 60 -12.29 6.88 9.67
C ASN D 60 -11.84 5.50 10.18
N TYR D 61 -12.80 4.71 10.67
CA TYR D 61 -12.52 3.40 11.22
C TYR D 61 -12.94 2.29 10.26
N SER D 62 -12.17 1.21 10.24
CA SER D 62 -12.53 0.03 9.48
C SER D 62 -12.70 -1.13 10.44
N ILE D 63 -13.85 -1.80 10.34
CA ILE D 63 -14.12 -3.01 11.10
C ILE D 63 -13.74 -4.18 10.22
N GLY D 64 -12.86 -5.05 10.73
CA GLY D 64 -12.45 -6.25 10.02
C GLY D 64 -13.18 -7.46 10.56
N ILE D 65 -13.96 -8.07 9.67
CA ILE D 65 -14.80 -9.21 10.01
C ILE D 65 -14.46 -10.43 9.18
N GLU D 66 -14.62 -11.60 9.78
CA GLU D 66 -14.52 -12.85 9.07
C GLU D 66 -15.90 -13.49 9.07
N VAL D 67 -16.36 -13.88 7.88
CA VAL D 67 -17.60 -14.63 7.74
C VAL D 67 -17.26 -16.08 7.41
N ASN D 68 -17.37 -16.93 8.43
CA ASN D 68 -17.13 -18.37 8.29
C ASN D 68 -18.46 -19.12 8.22
N GLY D 69 -18.93 -19.36 7.00
CA GLY D 69 -20.23 -19.96 6.77
C GLY D 69 -21.35 -18.99 7.10
N ASP D 70 -22.16 -19.35 8.09
CA ASP D 70 -23.20 -18.48 8.63
C ASP D 70 -22.69 -17.67 9.83
N THR D 71 -21.51 -18.01 10.33
CA THR D 71 -20.94 -17.35 11.51
C THR D 71 -20.22 -16.04 11.14
N ILE D 72 -20.64 -14.96 11.80
CA ILE D 72 -19.99 -13.65 11.64
C ILE D 72 -19.08 -13.37 12.84
N ILE D 73 -17.81 -13.10 12.55
CA ILE D 73 -16.80 -12.87 13.58
C ILE D 73 -16.22 -11.46 13.45
N PHE D 74 -16.41 -10.67 14.50
CA PHE D 74 -15.81 -9.35 14.54
C PHE D 74 -14.40 -9.51 15.06
N ARG D 75 -13.41 -9.20 14.21
CA ARG D 75 -12.02 -9.45 14.59
C ARG D 75 -11.23 -8.21 15.01
N ARG D 76 -11.34 -7.13 14.23
CA ARG D 76 -10.62 -5.87 14.55
C ARG D 76 -11.49 -4.64 14.28
N VAL D 77 -11.22 -3.54 14.98
CA VAL D 77 -11.69 -2.20 14.57
C VAL D 77 -10.54 -1.22 14.66
N LEU D 78 -10.10 -0.65 13.54
CA LEU D 78 -8.96 0.26 13.56
C LEU D 78 -9.16 1.54 12.78
N HIS D 79 -8.53 2.61 13.24
CA HIS D 79 -8.47 3.87 12.54
C HIS D 79 -7.54 3.74 11.32
N ARG D 80 -7.88 4.46 10.26
CA ARG D 80 -7.07 4.58 9.04
C ARG D 80 -5.57 4.71 9.30
N LYS D 81 -5.20 5.57 10.26
CA LYS D 81 -3.80 5.83 10.61
C LYS D 81 -3.13 4.63 11.28
N SER D 82 -3.91 3.85 12.02
CA SER D 82 -3.40 2.67 12.71
C SER D 82 -3.17 1.49 11.77
N ILE D 83 -3.91 1.45 10.66
CA ILE D 83 -3.78 0.38 9.68
C ILE D 83 -2.45 0.44 8.92
N TYR D 84 -2.01 1.66 8.65
CA TYR D 84 -0.76 1.92 7.92
C TYR D 84 0.47 1.33 8.63
N ASP D 85 0.25 0.74 9.80
CA ASP D 85 1.33 0.25 10.64
C ASP D 85 1.47 -1.28 10.64
N TYR D 86 0.50 -1.97 10.06
CA TYR D 86 0.44 -3.44 10.10
C TYR D 86 1.17 -4.18 8.97
N PHE D 87 2.22 -3.57 8.44
CA PHE D 87 3.00 -4.18 7.36
C PHE D 87 4.41 -4.53 7.82
N PRO D 88 4.81 -5.81 7.63
CA PRO D 88 6.14 -6.30 8.05
C PRO D 88 7.28 -5.65 7.25
#